data_2H0X
#
_entry.id   2H0X
#
_cell.length_a   180.599
_cell.length_b   39.742
_cell.length_c   70.669
_cell.angle_alpha   90.00
_cell.angle_beta   90.00
_cell.angle_gamma   90.00
#
_symmetry.space_group_name_H-M   'P 21 21 2'
#
loop_
_entity.id
_entity.type
_entity.pdbx_description
1 polymer 'glmS ribozyme amino RNA inhibitor'
2 polymer 'glmS ribozyme RNA'
3 non-polymer 'MAGNESIUM ION'
4 water water
#
loop_
_entity_poly.entity_id
_entity_poly.type
_entity_poly.pdbx_seq_one_letter_code
_entity_poly.pdbx_strand_id
1 'polyribonucleotide' (2AD)GCGCCUGGACUUAAAGCCAUUGCACU A
2 'polyribonucleotide'
;CCGGCUUUAAGUUGACGAGGGCAGGGUUUAUCGAGACAUCGGCGGGUGCCCUGCGGUCUUCCUGCGACCGUUAGAGGACU
GGUAAAACCACAGGCGACUGUGGCAUAGAGCAGUCCGGGCAGGA(A23)
;
B
#